data_6K8C
#
_entry.id   6K8C
#
_cell.length_a   131.454
_cell.length_b   61.637
_cell.length_c   69.743
_cell.angle_alpha   90.000
_cell.angle_beta   115.962
_cell.angle_gamma   90.000
#
_symmetry.space_group_name_H-M   'C 1 2 1'
#
loop_
_entity.id
_entity.type
_entity.pdbx_description
1 polymer 'Folylpolyglutamate synthase (FolC)'
2 non-polymer 'CITRIC ACID'
3 non-polymer GLYCEROL
4 water water
#
_entity_poly.entity_id   1
_entity_poly.type   'polypeptide(L)'
_entity_poly.pdbx_seq_one_letter_code
;MKNSPLNGLNGLKAFLETKPKEYHKFDPSRFIQIYKDFKNAFFEIQAKVIHVVGTNGKGSTGRFLTLLLADQNFKVLHFT
SPHVFEFRERFFLNGSVVGESVLENAHQQLQSHAFSSACSYFEYATLLAVMLAKDCDYLVLEAGLGGEFDSTNALKKTLS
VFTPIDYDHKEFLGDSLESIAQTKLKAMGSLSIIAPQQELVLNAAQKIAKEKHAKLIVVQNEISKGVRDYIERYHLARFL
AMNLEVALKAFETLLPCNKQEVLKNLKPLNLIGRCELLSPNILIDVGHNPHSAKALKEEIKRIFNAKIILIYNCYQDKDA
FLVLEILKPVIKKVLILELHEERVIKLEKLKGILETLGLEYALFEDVEENENYLVYGSFLVANAFYKRYQEKRDLEHHHH
HH
;
_entity_poly.pdbx_strand_id   A
#
loop_
_chem_comp.id
_chem_comp.type
_chem_comp.name
_chem_comp.formula
CIT non-polymer 'CITRIC ACID' 'C6 H8 O7'
GOL non-polymer GLYCEROL 'C3 H8 O3'
#
# COMPACT_ATOMS: atom_id res chain seq x y z
N PRO A 5 17.51 -14.56 13.43
CA PRO A 5 16.62 -15.10 12.39
C PRO A 5 16.89 -14.47 11.03
N LEU A 6 16.31 -13.29 10.79
CA LEU A 6 16.62 -12.53 9.59
C LEU A 6 18.01 -11.89 9.66
N ASN A 7 18.71 -12.03 10.79
CA ASN A 7 20.02 -11.43 11.00
C ASN A 7 21.13 -12.44 10.70
N GLY A 8 22.36 -12.05 11.01
CA GLY A 8 23.51 -12.89 10.75
C GLY A 8 24.17 -12.56 9.42
N LEU A 9 25.34 -13.18 9.21
CA LEU A 9 26.13 -12.92 8.02
C LEU A 9 25.38 -13.33 6.75
N ASN A 10 24.73 -14.50 6.78
CA ASN A 10 24.00 -15.01 5.63
C ASN A 10 22.52 -14.70 5.69
N GLY A 11 22.10 -13.89 6.66
CA GLY A 11 20.68 -13.61 6.84
C GLY A 11 20.10 -12.71 5.75
N LEU A 12 18.78 -12.62 5.79
CA LEU A 12 18.08 -11.82 4.77
C LEU A 12 18.41 -10.33 4.92
N LYS A 13 18.51 -9.84 6.16
CA LYS A 13 18.77 -8.42 6.36
C LYS A 13 20.07 -7.99 5.69
N ALA A 14 21.14 -8.78 5.86
CA ALA A 14 22.41 -8.46 5.23
C ALA A 14 22.32 -8.55 3.71
N PHE A 15 21.58 -9.52 3.20
CA PHE A 15 21.44 -9.66 1.75
C PHE A 15 20.70 -8.47 1.15
N LEU A 16 19.68 -7.95 1.84
CA LEU A 16 18.98 -6.78 1.33
C LEU A 16 19.86 -5.54 1.36
N GLU A 17 20.78 -5.45 2.32
CA GLU A 17 21.65 -4.27 2.37
C GLU A 17 22.66 -4.24 1.23
N THR A 18 22.91 -5.36 0.55
CA THR A 18 23.70 -5.37 -0.67
C THR A 18 22.90 -4.90 -1.88
N LYS A 19 21.61 -4.63 -1.72
CA LYS A 19 20.76 -4.12 -2.81
C LYS A 19 20.23 -2.77 -2.37
N PRO A 20 21.04 -1.71 -2.45
CA PRO A 20 20.55 -0.37 -2.12
C PRO A 20 19.29 -0.08 -2.92
N LYS A 21 18.24 0.31 -2.21
CA LYS A 21 16.88 0.27 -2.74
C LYS A 21 16.66 1.21 -3.93
N GLU A 22 17.59 2.12 -4.21
CA GLU A 22 17.49 2.94 -5.40
C GLU A 22 18.85 3.15 -6.07
N PHE A 26 18.18 0.02 -14.33
CA PHE A 26 16.96 -0.13 -15.11
C PHE A 26 17.18 -1.05 -16.31
N ASP A 27 16.51 -2.18 -16.30
CA ASP A 27 16.63 -3.18 -17.35
C ASP A 27 15.41 -4.08 -17.31
N PRO A 28 14.35 -3.75 -18.06
CA PRO A 28 13.15 -4.60 -18.07
C PRO A 28 13.44 -6.06 -18.39
N SER A 29 14.35 -6.31 -19.33
CA SER A 29 14.68 -7.69 -19.68
C SER A 29 15.29 -8.45 -18.50
N ARG A 30 15.80 -7.75 -17.49
CA ARG A 30 16.47 -8.43 -16.39
C ARG A 30 15.50 -9.32 -15.63
N PHE A 31 14.41 -8.74 -15.09
CA PHE A 31 13.57 -9.57 -14.25
C PHE A 31 12.81 -10.62 -15.04
N ILE A 32 12.45 -10.33 -16.29
CA ILE A 32 11.86 -11.36 -17.15
C ILE A 32 12.79 -12.57 -17.21
N GLN A 33 14.09 -12.31 -17.33
CA GLN A 33 15.07 -13.39 -17.32
C GLN A 33 15.21 -13.99 -15.92
N ILE A 34 15.25 -13.15 -14.88
CA ILE A 34 15.34 -13.65 -13.52
C ILE A 34 14.19 -14.61 -13.24
N TYR A 35 12.97 -14.18 -13.59
CA TYR A 35 11.78 -14.96 -13.24
C TYR A 35 11.76 -16.28 -14.00
N LYS A 36 12.18 -16.28 -15.27
CA LYS A 36 12.26 -17.52 -16.03
C LYS A 36 13.21 -18.50 -15.37
N ASP A 37 14.37 -18.01 -14.92
CA ASP A 37 15.31 -18.86 -14.18
C ASP A 37 14.70 -19.37 -12.88
N PHE A 38 13.97 -18.50 -12.17
CA PHE A 38 13.33 -18.93 -10.93
C PHE A 38 12.37 -20.08 -11.18
N LYS A 39 11.54 -19.97 -12.21
CA LYS A 39 10.54 -21.00 -12.47
C LYS A 39 11.21 -22.32 -12.84
N ASN A 40 12.26 -22.26 -13.65
CA ASN A 40 13.04 -23.46 -13.95
C ASN A 40 13.63 -24.07 -12.69
N ALA A 41 14.30 -23.25 -11.87
CA ALA A 41 14.98 -23.78 -10.69
C ALA A 41 14.02 -24.18 -9.58
N PHE A 42 12.83 -23.57 -9.53
CA PHE A 42 11.90 -23.87 -8.45
C PHE A 42 10.57 -24.39 -8.98
N PHE A 43 9.64 -23.50 -9.31
CA PHE A 43 8.31 -23.94 -9.70
C PHE A 43 7.57 -22.82 -10.42
N GLU A 44 6.54 -23.22 -11.16
CA GLU A 44 5.57 -22.31 -11.75
C GLU A 44 4.40 -22.23 -10.79
N ILE A 45 4.22 -21.07 -10.14
CA ILE A 45 3.22 -20.96 -9.08
C ILE A 45 1.83 -21.27 -9.60
N GLN A 46 1.07 -22.04 -8.83
CA GLN A 46 -0.27 -22.45 -9.24
C GLN A 46 -1.37 -21.52 -8.74
N ALA A 47 -1.09 -20.73 -7.70
CA ALA A 47 -2.07 -19.78 -7.19
C ALA A 47 -2.55 -18.85 -8.29
N LYS A 48 -3.84 -18.49 -8.23
CA LYS A 48 -4.36 -17.48 -9.14
C LYS A 48 -3.86 -16.12 -8.68
N VAL A 49 -3.34 -15.34 -9.61
CA VAL A 49 -2.62 -14.10 -9.29
C VAL A 49 -3.51 -12.92 -9.60
N ILE A 50 -3.70 -12.05 -8.62
CA ILE A 50 -4.46 -10.81 -8.79
C ILE A 50 -3.48 -9.64 -8.74
N HIS A 51 -3.40 -8.89 -9.83
CA HIS A 51 -2.46 -7.79 -9.95
C HIS A 51 -3.16 -6.49 -9.57
N VAL A 52 -2.72 -5.87 -8.48
CA VAL A 52 -3.30 -4.62 -7.99
C VAL A 52 -2.43 -3.47 -8.50
N VAL A 53 -3.00 -2.61 -9.34
CA VAL A 53 -2.28 -1.53 -10.01
C VAL A 53 -3.05 -0.24 -9.81
N GLY A 54 -2.34 0.84 -9.53
CA GLY A 54 -2.99 2.13 -9.38
C GLY A 54 -2.13 3.08 -8.56
N THR A 55 -2.72 4.22 -8.22
CA THR A 55 -2.05 5.24 -7.43
C THR A 55 -2.53 5.27 -5.98
N ASN A 56 -3.83 5.33 -5.76
CA ASN A 56 -4.41 5.42 -4.44
C ASN A 56 -5.21 4.17 -4.12
N GLY A 57 -5.25 3.82 -2.84
CA GLY A 57 -6.09 2.74 -2.37
C GLY A 57 -5.63 1.34 -2.72
N LYS A 58 -4.39 1.16 -3.16
CA LYS A 58 -3.91 -0.19 -3.47
C LYS A 58 -3.92 -1.07 -2.23
N GLY A 59 -3.43 -0.54 -1.11
CA GLY A 59 -3.27 -1.36 0.08
C GLY A 59 -4.59 -1.85 0.64
N SER A 60 -5.56 -0.94 0.81
CA SER A 60 -6.83 -1.36 1.40
C SER A 60 -7.63 -2.22 0.43
N THR A 61 -7.64 -1.87 -0.86
CA THR A 61 -8.36 -2.69 -1.84
C THR A 61 -7.82 -4.11 -1.85
N GLY A 62 -6.49 -4.26 -1.87
CA GLY A 62 -5.91 -5.59 -1.89
C GLY A 62 -6.15 -6.36 -0.61
N ARG A 63 -6.07 -5.68 0.53
CA ARG A 63 -6.24 -6.39 1.79
C ARG A 63 -7.71 -6.77 2.03
N PHE A 64 -8.64 -5.92 1.60
CA PHE A 64 -10.06 -6.26 1.66
C PHE A 64 -10.34 -7.52 0.86
N LEU A 65 -9.83 -7.58 -0.38
CA LEU A 65 -9.98 -8.78 -1.19
C LEU A 65 -9.35 -9.99 -0.50
N THR A 66 -8.14 -9.82 0.04
CA THR A 66 -7.46 -10.89 0.77
C THR A 66 -8.32 -11.41 1.92
N LEU A 67 -8.92 -10.51 2.68
CA LEU A 67 -9.74 -10.92 3.82
C LEU A 67 -10.99 -11.67 3.36
N LEU A 68 -11.63 -11.20 2.29
CA LEU A 68 -12.81 -11.90 1.78
C LEU A 68 -12.46 -13.31 1.32
N LEU A 69 -11.35 -13.45 0.59
CA LEU A 69 -10.95 -14.78 0.12
C LEU A 69 -10.60 -15.68 1.29
N ALA A 70 -9.87 -15.16 2.28
CA ALA A 70 -9.53 -15.95 3.46
C ALA A 70 -10.78 -16.41 4.20
N ASP A 71 -11.84 -15.59 4.19
CA ASP A 71 -13.10 -15.96 4.82
C ASP A 71 -13.79 -17.12 4.12
N GLN A 72 -13.40 -17.44 2.89
CA GLN A 72 -13.88 -18.63 2.20
C GLN A 72 -12.93 -19.81 2.36
N ASN A 73 -12.05 -19.75 3.36
CA ASN A 73 -11.09 -20.83 3.65
C ASN A 73 -10.10 -21.03 2.51
N PHE A 74 -9.71 -19.93 1.85
CA PHE A 74 -8.66 -19.97 0.85
C PHE A 74 -7.35 -19.48 1.46
N LYS A 75 -6.25 -20.06 0.99
CA LYS A 75 -4.92 -19.61 1.39
C LYS A 75 -4.51 -18.49 0.45
N VAL A 76 -4.16 -17.33 1.02
CA VAL A 76 -3.87 -16.13 0.25
C VAL A 76 -2.62 -15.45 0.79
N LEU A 77 -1.77 -14.99 -0.11
CA LEU A 77 -0.67 -14.10 0.25
C LEU A 77 -0.90 -12.73 -0.38
N HIS A 78 -0.81 -11.70 0.44
CA HIS A 78 -0.94 -10.32 -0.02
C HIS A 78 0.43 -9.66 0.04
N PHE A 79 0.96 -9.29 -1.12
CA PHE A 79 2.28 -8.70 -1.26
C PHE A 79 2.12 -7.20 -1.48
N THR A 80 2.67 -6.39 -0.57
CA THR A 80 2.53 -4.94 -0.63
C THR A 80 3.89 -4.28 -0.54
N SER A 81 3.92 -2.96 -0.79
CA SER A 81 5.15 -2.20 -0.65
C SER A 81 4.79 -0.74 -0.47
N PRO A 82 5.63 0.05 0.23
CA PRO A 82 6.81 -0.44 0.94
C PRO A 82 6.39 -0.93 2.33
N HIS A 83 7.21 -0.70 3.34
CA HIS A 83 6.83 -1.07 4.70
C HIS A 83 6.99 0.14 5.61
N VAL A 84 6.32 0.07 6.76
CA VAL A 84 6.36 1.16 7.72
C VAL A 84 7.48 0.90 8.74
N PHE A 85 7.40 -0.23 9.43
CA PHE A 85 8.32 -0.56 10.51
C PHE A 85 9.28 -1.68 10.15
N GLU A 86 8.77 -2.81 9.64
CA GLU A 86 9.60 -3.96 9.34
C GLU A 86 9.37 -4.43 7.92
N PHE A 87 10.43 -4.97 7.31
CA PHE A 87 10.36 -5.52 5.96
C PHE A 87 9.28 -6.58 5.82
N ARG A 88 9.08 -7.40 6.86
CA ARG A 88 8.16 -8.53 6.68
C ARG A 88 6.70 -8.10 6.59
N GLU A 89 6.38 -6.82 6.85
CA GLU A 89 5.04 -6.31 6.59
C GLU A 89 4.60 -6.54 5.15
N ARG A 90 5.56 -6.63 4.23
CA ARG A 90 5.27 -6.77 2.81
C ARG A 90 4.60 -8.09 2.46
N PHE A 91 4.54 -9.04 3.40
CA PHE A 91 4.02 -10.38 3.12
C PHE A 91 2.96 -10.73 4.16
N PHE A 92 1.70 -10.57 3.78
CA PHE A 92 0.55 -10.95 4.62
C PHE A 92 0.11 -12.32 4.16
N LEU A 93 0.39 -13.35 4.97
CA LEU A 93 0.27 -14.74 4.54
C LEU A 93 -0.73 -15.46 5.44
N ASN A 94 -1.81 -15.96 4.83
CA ASN A 94 -2.82 -16.76 5.52
C ASN A 94 -3.30 -16.07 6.79
N GLY A 95 -3.63 -14.79 6.67
CA GLY A 95 -4.28 -14.06 7.73
C GLY A 95 -3.38 -13.31 8.69
N SER A 96 -2.07 -13.35 8.51
CA SER A 96 -1.17 -12.62 9.40
C SER A 96 0.12 -12.29 8.67
N VAL A 97 0.82 -11.28 9.20
CA VAL A 97 2.15 -10.95 8.71
C VAL A 97 3.05 -12.17 8.83
N VAL A 98 3.87 -12.41 7.80
CA VAL A 98 4.68 -13.62 7.76
C VAL A 98 5.64 -13.66 8.94
N GLY A 99 5.84 -14.86 9.49
CA GLY A 99 6.79 -15.02 10.57
C GLY A 99 8.22 -14.88 10.08
N GLU A 100 9.08 -14.38 10.97
CA GLU A 100 10.47 -14.12 10.60
C GLU A 100 11.18 -15.37 10.12
N SER A 101 10.94 -16.51 10.78
CA SER A 101 11.66 -17.72 10.40
C SER A 101 11.16 -18.28 9.08
N VAL A 102 9.87 -18.12 8.78
CA VAL A 102 9.35 -18.54 7.49
C VAL A 102 9.97 -17.70 6.36
N LEU A 103 10.10 -16.40 6.59
CA LEU A 103 10.71 -15.51 5.60
C LEU A 103 12.19 -15.81 5.43
N GLU A 104 12.91 -16.02 6.53
CA GLU A 104 14.34 -16.34 6.44
C GLU A 104 14.56 -17.65 5.70
N ASN A 105 13.65 -18.62 5.88
CA ASN A 105 13.78 -19.90 5.21
C ASN A 105 13.60 -19.75 3.69
N ALA A 106 12.65 -18.92 3.26
CA ALA A 106 12.51 -18.68 1.83
C ALA A 106 13.76 -18.01 1.27
N HIS A 107 14.31 -17.04 2.00
CA HIS A 107 15.55 -16.40 1.58
C HIS A 107 16.68 -17.42 1.48
N GLN A 108 16.78 -18.32 2.45
CA GLN A 108 17.87 -19.30 2.44
C GLN A 108 17.82 -20.18 1.20
N GLN A 109 16.61 -20.51 0.73
CA GLN A 109 16.49 -21.30 -0.49
C GLN A 109 16.87 -20.49 -1.73
N LEU A 110 16.53 -19.19 -1.74
CA LEU A 110 16.75 -18.38 -2.94
C LEU A 110 18.21 -17.96 -3.11
N GLN A 111 18.88 -17.63 -2.00
CA GLN A 111 20.13 -16.86 -2.09
C GLN A 111 21.24 -17.61 -2.81
N SER A 112 21.17 -18.93 -2.91
CA SER A 112 22.24 -19.71 -3.53
C SER A 112 22.21 -19.68 -5.05
N HIS A 113 21.26 -18.97 -5.66
CA HIS A 113 21.12 -18.95 -7.10
C HIS A 113 21.56 -17.61 -7.67
N ALA A 114 22.16 -17.67 -8.86
CA ALA A 114 22.71 -16.46 -9.48
C ALA A 114 21.64 -15.41 -9.71
N PHE A 115 20.42 -15.83 -10.11
CA PHE A 115 19.39 -14.85 -10.41
C PHE A 115 18.99 -14.06 -9.17
N SER A 116 19.18 -14.63 -7.98
CA SER A 116 18.87 -13.92 -6.75
C SER A 116 19.85 -12.77 -6.51
N SER A 117 21.13 -12.99 -6.83
CA SER A 117 22.11 -11.91 -6.68
C SER A 117 21.88 -10.82 -7.72
N ALA A 118 21.34 -11.18 -8.89
CA ALA A 118 21.06 -10.18 -9.91
C ALA A 118 19.83 -9.33 -9.58
N CYS A 119 19.00 -9.77 -8.63
CA CYS A 119 17.78 -9.04 -8.32
C CYS A 119 18.08 -7.66 -7.74
N SER A 120 17.28 -6.68 -8.16
CA SER A 120 17.14 -5.46 -7.39
C SER A 120 16.44 -5.78 -6.06
N TYR A 121 16.44 -4.79 -5.17
CA TYR A 121 15.75 -4.94 -3.88
C TYR A 121 14.30 -5.39 -4.08
N PHE A 122 13.55 -4.64 -4.88
CA PHE A 122 12.14 -4.97 -5.06
C PHE A 122 11.95 -6.26 -5.85
N GLU A 123 12.84 -6.55 -6.81
CA GLU A 123 12.77 -7.81 -7.54
C GLU A 123 12.96 -9.00 -6.60
N TYR A 124 13.86 -8.87 -5.63
CA TYR A 124 14.05 -9.96 -4.66
C TYR A 124 12.83 -10.13 -3.76
N ALA A 125 12.23 -9.01 -3.32
CA ALA A 125 11.00 -9.09 -2.54
C ALA A 125 9.92 -9.83 -3.33
N THR A 126 9.84 -9.59 -4.64
CA THR A 126 8.85 -10.27 -5.48
C THR A 126 9.09 -11.77 -5.47
N LEU A 127 10.34 -12.21 -5.64
CA LEU A 127 10.62 -13.65 -5.60
C LEU A 127 10.30 -14.23 -4.24
N LEU A 128 10.60 -13.50 -3.16
CA LEU A 128 10.25 -13.97 -1.83
C LEU A 128 8.74 -14.16 -1.70
N ALA A 129 7.96 -13.25 -2.26
CA ALA A 129 6.50 -13.39 -2.22
C ALA A 129 6.06 -14.66 -2.94
N VAL A 130 6.61 -14.92 -4.13
CA VAL A 130 6.24 -16.12 -4.87
C VAL A 130 6.65 -17.37 -4.11
N MET A 131 7.83 -17.36 -3.49
CA MET A 131 8.26 -18.51 -2.69
C MET A 131 7.30 -18.74 -1.52
N LEU A 132 6.94 -17.67 -0.83
CA LEU A 132 6.04 -17.78 0.31
C LEU A 132 4.64 -18.22 -0.08
N ALA A 133 4.22 -17.98 -1.33
CA ALA A 133 2.87 -18.30 -1.79
C ALA A 133 2.80 -19.61 -2.55
N LYS A 134 3.85 -20.45 -2.46
CA LYS A 134 3.93 -21.69 -3.22
C LYS A 134 2.66 -22.54 -3.10
N ASP A 135 2.09 -22.62 -1.89
CA ASP A 135 0.92 -23.46 -1.64
C ASP A 135 -0.34 -22.63 -1.40
N CYS A 136 -0.39 -21.39 -1.87
CA CYS A 136 -1.55 -20.55 -1.71
C CYS A 136 -2.56 -20.78 -2.82
N ASP A 137 -3.81 -20.49 -2.53
CA ASP A 137 -4.83 -20.50 -3.56
C ASP A 137 -4.83 -19.22 -4.37
N TYR A 138 -4.50 -18.09 -3.75
CA TYR A 138 -4.53 -16.80 -4.40
C TYR A 138 -3.30 -16.00 -3.97
N LEU A 139 -2.76 -15.23 -4.91
CA LEU A 139 -1.65 -14.32 -4.65
C LEU A 139 -2.12 -12.93 -5.08
N VAL A 140 -2.31 -12.04 -4.11
CA VAL A 140 -2.71 -10.66 -4.37
C VAL A 140 -1.44 -9.84 -4.40
N LEU A 141 -1.08 -9.39 -5.61
CA LEU A 141 0.25 -8.88 -5.93
C LEU A 141 0.15 -7.40 -6.26
N GLU A 142 0.64 -6.56 -5.36
CA GLU A 142 0.63 -5.12 -5.57
C GLU A 142 1.81 -4.71 -6.43
N ALA A 143 1.54 -3.93 -7.48
CA ALA A 143 2.61 -3.45 -8.34
C ALA A 143 3.47 -2.44 -7.58
N GLY A 144 4.75 -2.42 -7.92
CA GLY A 144 5.67 -1.41 -7.43
C GLY A 144 5.68 -0.19 -8.32
N LEU A 145 6.83 0.48 -8.37
CA LEU A 145 6.97 1.74 -9.09
C LEU A 145 7.52 1.56 -10.51
N GLY A 146 7.74 0.32 -10.95
CA GLY A 146 8.35 0.07 -12.25
C GLY A 146 7.46 0.37 -13.44
N GLY A 147 6.18 0.70 -13.23
CA GLY A 147 5.32 1.04 -14.34
C GLY A 147 4.94 -0.18 -15.15
N GLU A 148 5.09 -0.08 -16.47
CA GLU A 148 4.80 -1.21 -17.34
C GLU A 148 5.87 -2.28 -17.26
N PHE A 149 7.09 -1.91 -16.85
CA PHE A 149 8.19 -2.85 -16.67
C PHE A 149 8.36 -3.26 -15.21
N ASP A 150 7.33 -3.08 -14.39
CA ASP A 150 7.40 -3.49 -12.99
C ASP A 150 7.66 -4.99 -12.91
N SER A 151 8.36 -5.40 -11.84
CA SER A 151 8.69 -6.81 -11.69
C SER A 151 7.44 -7.68 -11.57
N THR A 152 6.39 -7.16 -10.92
CA THR A 152 5.17 -7.96 -10.77
C THR A 152 4.49 -8.23 -12.11
N ASN A 153 4.84 -7.48 -13.15
CA ASN A 153 4.27 -7.71 -14.48
C ASN A 153 4.70 -9.04 -15.09
N ALA A 154 5.77 -9.65 -14.58
CA ALA A 154 6.30 -10.87 -15.19
C ALA A 154 5.50 -12.11 -14.83
N LEU A 155 4.69 -12.05 -13.77
CA LEU A 155 3.90 -13.20 -13.37
C LEU A 155 2.61 -13.27 -14.21
N LYS A 156 2.21 -14.48 -14.56
CA LYS A 156 0.94 -14.63 -15.27
C LYS A 156 -0.19 -14.24 -14.33
N LYS A 157 -1.18 -13.53 -14.87
CA LYS A 157 -2.21 -12.92 -14.06
C LYS A 157 -3.57 -13.52 -14.41
N THR A 158 -4.35 -13.83 -13.37
CA THR A 158 -5.75 -14.17 -13.55
C THR A 158 -6.61 -12.92 -13.69
N LEU A 159 -6.29 -11.87 -12.94
CA LEU A 159 -7.14 -10.70 -12.85
C LEU A 159 -6.28 -9.50 -12.49
N SER A 160 -6.58 -8.35 -13.09
CA SER A 160 -6.01 -7.08 -12.67
C SER A 160 -7.09 -6.24 -12.00
N VAL A 161 -6.71 -5.53 -10.95
CA VAL A 161 -7.59 -4.56 -10.31
C VAL A 161 -6.93 -3.20 -10.42
N PHE A 162 -7.56 -2.27 -11.14
CA PHE A 162 -7.02 -0.93 -11.31
C PHE A 162 -7.71 0.00 -10.32
N THR A 163 -7.00 0.35 -9.26
CA THR A 163 -7.48 1.33 -8.29
C THR A 163 -7.32 2.73 -8.91
N PRO A 164 -7.82 3.78 -8.25
CA PRO A 164 -7.77 5.12 -8.88
C PRO A 164 -6.35 5.57 -9.20
N ILE A 165 -6.18 6.12 -10.40
CA ILE A 165 -4.89 6.53 -10.94
C ILE A 165 -4.82 8.06 -10.93
N ASP A 166 -3.69 8.59 -10.46
CA ASP A 166 -3.51 10.03 -10.34
C ASP A 166 -2.03 10.36 -10.48
N TYR A 167 -1.69 11.62 -10.29
CA TYR A 167 -0.31 12.08 -10.39
C TYR A 167 0.54 11.53 -9.26
N ASP A 175 5.08 12.29 -16.88
CA ASP A 175 4.70 13.63 -16.43
C ASP A 175 3.19 13.81 -16.42
N SER A 176 2.58 13.78 -17.61
CA SER A 176 1.15 14.01 -17.74
C SER A 176 0.35 12.83 -17.18
N LEU A 177 -0.92 13.11 -16.86
CA LEU A 177 -1.80 12.06 -16.36
C LEU A 177 -2.06 11.00 -17.42
N GLU A 178 -2.14 11.40 -18.70
CA GLU A 178 -2.29 10.41 -19.76
C GLU A 178 -1.09 9.48 -19.81
N SER A 179 0.11 10.03 -19.62
CA SER A 179 1.32 9.21 -19.62
C SER A 179 1.35 8.25 -18.44
N ILE A 180 0.89 8.71 -17.28
CA ILE A 180 0.82 7.81 -16.11
C ILE A 180 -0.13 6.67 -16.39
N ALA A 181 -1.34 7.00 -16.88
CA ALA A 181 -2.33 5.98 -17.16
C ALA A 181 -1.83 4.97 -18.17
N GLN A 182 -1.07 5.43 -19.17
CA GLN A 182 -0.61 4.55 -20.24
C GLN A 182 0.28 3.43 -19.69
N THR A 183 1.27 3.79 -18.88
CA THR A 183 2.22 2.79 -18.39
C THR A 183 1.53 1.77 -17.50
N LYS A 184 0.59 2.22 -16.66
CA LYS A 184 -0.11 1.30 -15.77
C LYS A 184 -1.06 0.39 -16.55
N LEU A 185 -1.80 0.95 -17.50
CA LEU A 185 -2.87 0.20 -18.16
C LEU A 185 -2.36 -0.70 -19.28
N LYS A 186 -1.17 -0.43 -19.83
CA LYS A 186 -0.71 -1.19 -20.99
C LYS A 186 -0.52 -2.67 -20.67
N ALA A 187 -0.18 -2.98 -19.41
CA ALA A 187 0.05 -4.36 -19.02
C ALA A 187 -1.22 -5.06 -18.53
N MET A 188 -2.40 -4.50 -18.83
CA MET A 188 -3.64 -5.18 -18.48
C MET A 188 -3.74 -6.49 -19.24
N GLY A 189 -4.25 -7.52 -18.57
CA GLY A 189 -4.48 -8.82 -19.16
C GLY A 189 -5.88 -8.94 -19.74
N SER A 190 -6.37 -10.17 -19.80
CA SER A 190 -7.64 -10.43 -20.47
C SER A 190 -8.85 -10.07 -19.60
N LEU A 191 -8.67 -9.90 -18.29
CA LEU A 191 -9.77 -9.69 -17.37
C LEU A 191 -9.34 -8.68 -16.32
N SER A 192 -10.05 -7.56 -16.23
CA SER A 192 -9.66 -6.51 -15.30
C SER A 192 -10.89 -5.79 -14.74
N ILE A 193 -10.78 -5.41 -13.48
CA ILE A 193 -11.74 -4.57 -12.79
C ILE A 193 -11.13 -3.18 -12.68
N ILE A 194 -11.92 -2.15 -12.94
CA ILE A 194 -11.40 -0.78 -12.84
C ILE A 194 -12.29 0.02 -11.89
N ALA A 195 -11.68 0.57 -10.85
CA ALA A 195 -12.36 1.49 -9.94
C ALA A 195 -12.72 2.77 -10.68
N PRO A 196 -13.63 3.59 -10.13
CA PRO A 196 -13.95 4.87 -10.77
C PRO A 196 -12.71 5.71 -10.96
N GLN A 197 -12.56 6.25 -12.16
CA GLN A 197 -11.36 6.96 -12.59
C GLN A 197 -11.72 8.34 -13.11
N GLN A 198 -10.70 9.15 -13.35
CA GLN A 198 -10.89 10.36 -14.12
C GLN A 198 -11.20 10.01 -15.58
N GLU A 199 -11.83 10.95 -16.28
CA GLU A 199 -12.41 10.65 -17.59
C GLU A 199 -11.36 10.20 -18.59
N LEU A 200 -10.21 10.90 -18.66
CA LEU A 200 -9.20 10.51 -19.62
C LEU A 200 -8.61 9.14 -19.29
N VAL A 201 -8.54 8.78 -18.01
CA VAL A 201 -7.99 7.47 -17.64
C VAL A 201 -8.95 6.36 -18.04
N LEU A 202 -10.25 6.54 -17.78
CA LEU A 202 -11.23 5.56 -18.23
C LEU A 202 -11.20 5.41 -19.74
N ASN A 203 -11.11 6.53 -20.46
CA ASN A 203 -11.00 6.48 -21.92
C ASN A 203 -9.77 5.71 -22.36
N ALA A 204 -8.62 5.99 -21.73
CA ALA A 204 -7.40 5.27 -22.10
C ALA A 204 -7.54 3.78 -21.82
N ALA A 205 -8.14 3.42 -20.69
CA ALA A 205 -8.32 2.01 -20.34
C ALA A 205 -9.26 1.32 -21.32
N GLN A 206 -10.35 1.97 -21.70
CA GLN A 206 -11.29 1.37 -22.65
C GLN A 206 -10.64 1.17 -24.01
N LYS A 207 -9.81 2.12 -24.44
CA LYS A 207 -9.15 2.00 -25.72
C LYS A 207 -8.17 0.82 -25.73
N ILE A 208 -7.42 0.64 -24.64
CA ILE A 208 -6.47 -0.46 -24.57
C ILE A 208 -7.20 -1.79 -24.50
N ALA A 209 -8.28 -1.87 -23.71
CA ALA A 209 -9.01 -3.12 -23.59
C ALA A 209 -9.60 -3.56 -24.93
N LYS A 210 -10.12 -2.61 -25.71
CA LYS A 210 -10.63 -2.93 -27.04
C LYS A 210 -9.49 -3.41 -27.94
N GLU A 211 -8.34 -2.73 -27.87
CA GLU A 211 -7.20 -3.13 -28.69
C GLU A 211 -6.73 -4.55 -28.34
N LYS A 212 -6.79 -4.93 -27.07
CA LYS A 212 -6.31 -6.23 -26.63
C LYS A 212 -7.42 -7.28 -26.55
N HIS A 213 -8.64 -6.94 -26.97
CA HIS A 213 -9.80 -7.85 -26.89
C HIS A 213 -10.07 -8.30 -25.46
N ALA A 214 -9.78 -7.44 -24.49
CA ALA A 214 -9.87 -7.77 -23.08
C ALA A 214 -11.22 -7.37 -22.51
N LYS A 215 -11.57 -7.98 -21.39
CA LYS A 215 -12.82 -7.67 -20.70
C LYS A 215 -12.51 -6.72 -19.55
N LEU A 216 -13.12 -5.54 -19.59
CA LEU A 216 -12.93 -4.49 -18.60
C LEU A 216 -14.23 -4.34 -17.82
N ILE A 217 -14.20 -4.64 -16.52
CA ILE A 217 -15.37 -4.55 -15.66
C ILE A 217 -15.31 -3.20 -14.94
N VAL A 218 -16.21 -2.30 -15.29
CA VAL A 218 -16.18 -0.94 -14.76
C VAL A 218 -17.02 -0.90 -13.48
N VAL A 219 -16.40 -0.55 -12.37
CA VAL A 219 -17.10 -0.49 -11.10
C VAL A 219 -17.97 0.76 -11.07
N GLN A 220 -19.26 0.58 -10.79
CA GLN A 220 -20.17 1.71 -10.69
C GLN A 220 -19.78 2.61 -9.53
N ASN A 221 -19.94 3.92 -9.73
CA ASN A 221 -19.66 4.91 -8.68
C ASN A 221 -20.86 4.91 -7.72
N GLU A 222 -20.85 3.93 -6.81
CA GLU A 222 -22.04 3.59 -6.05
C GLU A 222 -21.61 2.74 -4.86
N ILE A 223 -22.08 3.09 -3.66
CA ILE A 223 -21.74 2.35 -2.44
C ILE A 223 -22.99 1.62 -1.95
N SER A 224 -22.89 0.31 -1.83
CA SER A 224 -24.01 -0.51 -1.38
C SER A 224 -24.28 -0.30 0.11
N LYS A 225 -25.51 -0.61 0.51
CA LYS A 225 -25.86 -0.54 1.93
C LYS A 225 -24.99 -1.47 2.76
N GLY A 226 -24.73 -2.68 2.25
CA GLY A 226 -23.89 -3.62 2.98
C GLY A 226 -22.50 -3.06 3.26
N VAL A 227 -21.92 -2.35 2.29
CA VAL A 227 -20.62 -1.74 2.49
C VAL A 227 -20.71 -0.56 3.45
N ARG A 228 -21.74 0.29 3.28
CA ARG A 228 -21.93 1.37 4.24
C ARG A 228 -22.10 0.83 5.65
N ASP A 229 -22.89 -0.24 5.81
CA ASP A 229 -23.12 -0.80 7.14
C ASP A 229 -21.83 -1.34 7.74
N TYR A 230 -21.03 -2.05 6.93
CA TYR A 230 -19.76 -2.56 7.41
C TYR A 230 -18.84 -1.42 7.87
N ILE A 231 -18.76 -0.34 7.08
CA ILE A 231 -17.88 0.76 7.43
C ILE A 231 -18.34 1.43 8.73
N GLU A 232 -19.65 1.66 8.86
CA GLU A 232 -20.14 2.34 10.07
C GLU A 232 -20.01 1.46 11.31
N ARG A 233 -20.29 0.16 11.16
CA ARG A 233 -20.25 -0.76 12.29
C ARG A 233 -18.88 -0.80 12.96
N TYR A 234 -17.81 -0.58 12.19
CA TYR A 234 -16.45 -0.65 12.72
C TYR A 234 -15.75 0.70 12.73
N HIS A 235 -16.46 1.79 12.41
CA HIS A 235 -15.88 3.13 12.38
C HIS A 235 -14.62 3.18 11.53
N LEU A 236 -14.70 2.59 10.33
CA LEU A 236 -13.59 2.52 9.39
C LEU A 236 -13.59 3.67 8.40
N ALA A 237 -13.86 4.90 8.84
CA ALA A 237 -13.79 6.05 7.94
C ALA A 237 -12.39 6.26 7.38
N ARG A 238 -11.38 5.62 7.98
CA ARG A 238 -10.02 5.74 7.47
C ARG A 238 -9.90 5.25 6.03
N PHE A 239 -10.75 4.31 5.64
CA PHE A 239 -10.67 3.69 4.32
C PHE A 239 -11.88 4.07 3.47
N LEU A 240 -11.62 4.47 2.22
CA LEU A 240 -12.69 4.80 1.30
C LEU A 240 -13.61 3.62 1.08
N ALA A 241 -14.92 3.85 1.20
CA ALA A 241 -15.88 2.78 0.99
C ALA A 241 -15.74 2.17 -0.41
N MET A 242 -15.41 3.00 -1.41
CA MET A 242 -15.28 2.50 -2.77
C MET A 242 -14.17 1.44 -2.88
N ASN A 243 -13.15 1.52 -2.03
CA ASN A 243 -12.10 0.51 -2.05
C ASN A 243 -12.66 -0.86 -1.73
N LEU A 244 -13.58 -0.94 -0.76
CA LEU A 244 -14.23 -2.22 -0.46
C LEU A 244 -15.18 -2.65 -1.58
N GLU A 245 -15.90 -1.69 -2.19
CA GLU A 245 -16.76 -2.05 -3.31
C GLU A 245 -15.96 -2.67 -4.44
N VAL A 246 -14.78 -2.11 -4.73
CA VAL A 246 -13.94 -2.67 -5.79
C VAL A 246 -13.44 -4.05 -5.40
N ALA A 247 -12.99 -4.22 -4.15
CA ALA A 247 -12.54 -5.54 -3.71
C ALA A 247 -13.68 -6.55 -3.75
N LEU A 248 -14.90 -6.12 -3.44
CA LEU A 248 -16.05 -7.02 -3.50
C LEU A 248 -16.31 -7.45 -4.95
N LYS A 249 -16.21 -6.51 -5.89
CA LYS A 249 -16.38 -6.87 -7.30
C LYS A 249 -15.32 -7.85 -7.76
N ALA A 250 -14.07 -7.64 -7.32
CA ALA A 250 -13.01 -8.60 -7.61
C ALA A 250 -13.34 -9.97 -7.04
N PHE A 251 -13.78 -10.00 -5.77
CA PHE A 251 -14.17 -11.25 -5.12
C PHE A 251 -15.24 -11.98 -5.93
N GLU A 252 -16.31 -11.26 -6.29
CA GLU A 252 -17.39 -11.87 -7.06
C GLU A 252 -16.93 -12.31 -8.44
N THR A 253 -15.97 -11.61 -9.03
CA THR A 253 -15.48 -12.00 -10.35
C THR A 253 -14.64 -13.27 -10.26
N LEU A 254 -13.86 -13.42 -9.20
CA LEU A 254 -13.09 -14.64 -9.00
C LEU A 254 -13.99 -15.81 -8.65
N LEU A 255 -15.07 -15.57 -7.91
CA LEU A 255 -15.92 -16.64 -7.38
C LEU A 255 -17.37 -16.36 -7.75
N PRO A 256 -17.71 -16.46 -9.05
CA PRO A 256 -19.05 -16.08 -9.49
C PRO A 256 -20.16 -16.97 -8.96
N CYS A 257 -19.84 -18.14 -8.44
CA CYS A 257 -20.85 -19.04 -7.90
C CYS A 257 -21.11 -18.83 -6.42
N ASN A 258 -20.29 -18.02 -5.75
CA ASN A 258 -20.53 -17.71 -4.34
C ASN A 258 -21.68 -16.72 -4.22
N LYS A 259 -22.73 -17.11 -3.49
CA LYS A 259 -23.88 -16.24 -3.28
C LYS A 259 -24.10 -15.91 -1.80
N GLN A 260 -23.05 -16.00 -0.99
CA GLN A 260 -23.17 -15.74 0.44
C GLN A 260 -23.05 -14.25 0.74
N GLU A 261 -23.60 -13.86 1.90
CA GLU A 261 -23.51 -12.48 2.37
C GLU A 261 -22.20 -12.33 3.13
N VAL A 262 -21.14 -12.05 2.38
CA VAL A 262 -19.79 -12.13 2.93
C VAL A 262 -19.44 -10.95 3.83
N LEU A 263 -20.17 -9.83 3.74
CA LEU A 263 -19.86 -8.68 4.56
C LEU A 263 -20.31 -8.83 6.00
N LYS A 264 -21.28 -9.72 6.27
CA LYS A 264 -21.84 -9.81 7.61
C LYS A 264 -20.78 -10.26 8.62
N ASN A 265 -19.92 -11.20 8.23
CA ASN A 265 -18.87 -11.71 9.11
C ASN A 265 -17.48 -11.25 8.71
N LEU A 266 -17.36 -10.27 7.82
CA LEU A 266 -16.06 -9.73 7.48
C LEU A 266 -15.46 -9.04 8.70
N LYS A 267 -14.22 -9.40 9.04
CA LYS A 267 -13.56 -8.77 10.17
C LYS A 267 -13.20 -7.33 9.84
N PRO A 268 -13.03 -6.48 10.86
CA PRO A 268 -12.65 -5.10 10.60
C PRO A 268 -11.27 -5.02 9.96
N LEU A 269 -11.15 -4.17 8.93
CA LEU A 269 -9.88 -4.01 8.24
C LEU A 269 -8.89 -3.25 9.12
N ASN A 270 -7.70 -3.82 9.26
CA ASN A 270 -6.59 -3.18 9.97
C ASN A 270 -5.36 -3.28 9.10
N LEU A 271 -4.72 -2.15 8.83
CA LEU A 271 -3.46 -2.10 8.11
C LEU A 271 -2.40 -1.47 8.99
N ILE A 272 -1.22 -2.07 8.99
CA ILE A 272 -0.11 -1.53 9.77
C ILE A 272 0.24 -0.14 9.23
N GLY A 273 0.43 0.80 10.15
CA GLY A 273 0.78 2.15 9.75
C GLY A 273 -0.40 3.01 9.35
N ARG A 274 -1.62 2.53 9.53
CA ARG A 274 -2.83 3.31 9.26
C ARG A 274 -3.58 3.44 10.57
N CYS A 275 -3.69 4.67 11.07
CA CYS A 275 -4.38 4.95 12.33
C CYS A 275 -3.86 4.05 13.46
N GLU A 276 -2.54 4.00 13.59
CA GLU A 276 -1.87 3.04 14.46
C GLU A 276 -1.32 3.75 15.69
N LEU A 277 -1.69 3.26 16.86
CA LEU A 277 -1.15 3.78 18.13
C LEU A 277 0.18 3.08 18.39
N LEU A 278 1.29 3.73 18.03
CA LEU A 278 2.61 3.18 18.33
C LEU A 278 2.84 3.11 19.83
N SER A 279 2.34 4.08 20.57
CA SER A 279 2.51 4.15 22.01
C SER A 279 1.28 4.84 22.56
N PRO A 280 1.14 4.92 23.88
CA PRO A 280 -0.03 5.65 24.43
C PRO A 280 -0.15 7.08 23.92
N ASN A 281 0.95 7.72 23.54
CA ASN A 281 0.93 9.12 23.15
C ASN A 281 1.37 9.38 21.72
N ILE A 282 1.50 8.35 20.88
CA ILE A 282 1.92 8.53 19.50
C ILE A 282 0.98 7.75 18.59
N LEU A 283 0.23 8.49 17.76
CA LEU A 283 -0.55 7.93 16.68
C LEU A 283 0.20 8.12 15.37
N ILE A 284 0.24 7.08 14.54
CA ILE A 284 1.03 7.08 13.31
C ILE A 284 0.12 6.72 12.14
N ASP A 285 0.28 7.45 11.04
CA ASP A 285 -0.50 7.16 9.84
C ASP A 285 0.29 7.59 8.62
N VAL A 286 0.39 6.70 7.63
CA VAL A 286 1.19 6.95 6.43
C VAL A 286 0.43 7.71 5.35
N GLY A 287 -0.81 8.12 5.61
CA GLY A 287 -1.60 8.74 4.58
C GLY A 287 -1.27 10.21 4.34
N HIS A 288 -1.88 10.76 3.29
CA HIS A 288 -1.89 12.21 3.09
C HIS A 288 -3.03 12.50 2.12
N ASN A 289 -4.22 12.71 2.67
CA ASN A 289 -5.44 12.85 1.91
C ASN A 289 -6.45 13.59 2.76
N PRO A 290 -7.31 14.42 2.17
CA PRO A 290 -8.42 14.97 2.94
C PRO A 290 -9.24 13.90 3.60
N HIS A 291 -9.43 12.76 2.94
CA HIS A 291 -10.25 11.71 3.51
C HIS A 291 -9.60 11.10 4.76
N SER A 292 -8.31 10.78 4.67
CA SER A 292 -7.66 10.22 5.85
C SER A 292 -7.48 11.27 6.93
N ALA A 293 -7.25 12.54 6.54
CA ALA A 293 -7.10 13.59 7.55
C ALA A 293 -8.38 13.75 8.36
N LYS A 294 -9.54 13.69 7.70
CA LYS A 294 -10.81 13.76 8.43
C LYS A 294 -10.94 12.59 9.39
N ALA A 295 -10.58 11.39 8.94
CA ALA A 295 -10.69 10.20 9.80
C ALA A 295 -9.74 10.28 10.97
N LEU A 296 -8.54 10.83 10.77
CA LEU A 296 -7.60 10.94 11.88
C LEU A 296 -8.04 12.02 12.87
N LYS A 297 -8.62 13.11 12.38
CA LYS A 297 -9.21 14.09 13.28
C LYS A 297 -10.23 13.44 14.20
N GLU A 298 -11.11 12.61 13.63
CA GLU A 298 -12.12 11.92 14.44
C GLU A 298 -11.47 10.95 15.41
N GLU A 299 -10.42 10.25 14.98
CA GLU A 299 -9.74 9.32 15.88
C GLU A 299 -8.96 10.05 16.95
N ILE A 300 -8.42 11.23 16.63
CA ILE A 300 -7.77 12.05 17.65
C ILE A 300 -8.78 12.46 18.72
N LYS A 301 -9.98 12.85 18.30
CA LYS A 301 -11.01 13.22 19.26
C LYS A 301 -11.36 12.05 20.17
N ARG A 302 -11.52 10.85 19.60
CA ARG A 302 -11.87 9.69 20.40
C ARG A 302 -10.74 9.32 21.36
N ILE A 303 -9.51 9.27 20.85
CA ILE A 303 -8.42 8.69 21.61
C ILE A 303 -7.87 9.66 22.64
N PHE A 304 -7.61 10.91 22.24
CA PHE A 304 -6.98 11.88 23.13
C PHE A 304 -7.95 12.91 23.69
N ASN A 305 -9.02 13.24 22.97
CA ASN A 305 -10.06 14.16 23.46
C ASN A 305 -9.46 15.50 23.88
N ALA A 306 -8.49 15.97 23.10
CA ALA A 306 -7.81 17.24 23.34
C ALA A 306 -7.00 17.57 22.09
N LYS A 307 -6.53 18.81 22.03
CA LYS A 307 -5.65 19.21 20.94
C LYS A 307 -4.27 18.58 21.15
N ILE A 308 -3.67 18.11 20.06
CA ILE A 308 -2.39 17.42 20.13
C ILE A 308 -1.41 18.09 19.17
N ILE A 309 -0.20 17.55 19.12
CA ILE A 309 0.87 18.05 18.26
C ILE A 309 0.94 17.20 17.01
N LEU A 310 1.11 17.84 15.86
CA LEU A 310 1.25 17.13 14.60
C LEU A 310 2.73 17.08 14.19
N ILE A 311 3.23 15.88 13.91
CA ILE A 311 4.55 15.68 13.35
C ILE A 311 4.37 15.37 11.87
N TYR A 312 4.91 16.21 11.00
CA TYR A 312 4.37 16.30 9.66
C TYR A 312 5.43 16.70 8.63
N ASN A 313 5.34 16.08 7.46
CA ASN A 313 5.90 16.62 6.23
C ASN A 313 5.10 16.00 5.08
N CYS A 314 5.31 16.50 3.88
CA CYS A 314 4.56 15.95 2.74
C CYS A 314 5.33 16.18 1.45
N TYR A 315 4.91 15.46 0.42
CA TYR A 315 5.49 15.58 -0.90
C TYR A 315 4.94 16.83 -1.59
N GLN A 316 5.63 17.24 -2.66
CA GLN A 316 5.30 18.49 -3.34
C GLN A 316 4.00 18.43 -4.13
N ASP A 317 3.52 17.22 -4.45
CA ASP A 317 2.36 17.04 -5.29
C ASP A 317 1.04 17.00 -4.52
N LYS A 318 1.09 17.10 -3.20
CA LYS A 318 -0.09 16.91 -2.36
C LYS A 318 -0.67 18.25 -1.91
N ASP A 319 -1.96 18.23 -1.59
CA ASP A 319 -2.68 19.42 -1.14
C ASP A 319 -2.46 19.58 0.36
N ALA A 320 -1.26 20.06 0.70
CA ALA A 320 -0.91 20.23 2.11
C ALA A 320 -1.84 21.21 2.81
N PHE A 321 -2.22 22.28 2.13
CA PHE A 321 -3.07 23.30 2.74
C PHE A 321 -4.38 22.70 3.25
N LEU A 322 -5.08 21.98 2.39
CA LEU A 322 -6.38 21.44 2.78
C LEU A 322 -6.24 20.42 3.91
N VAL A 323 -5.23 19.57 3.84
CA VAL A 323 -5.05 18.55 4.87
C VAL A 323 -4.80 19.20 6.22
N LEU A 324 -3.91 20.20 6.26
CA LEU A 324 -3.64 20.90 7.51
C LEU A 324 -4.85 21.70 7.98
N GLU A 325 -5.62 22.27 7.05
CA GLU A 325 -6.84 22.97 7.44
C GLU A 325 -7.84 22.01 8.08
N ILE A 326 -7.95 20.80 7.55
CA ILE A 326 -8.85 19.80 8.14
C ILE A 326 -8.39 19.42 9.53
N LEU A 327 -7.07 19.27 9.73
CA LEU A 327 -6.56 18.82 11.02
C LEU A 327 -6.49 19.94 12.05
N LYS A 328 -6.38 21.19 11.60
CA LYS A 328 -6.18 22.31 12.52
C LYS A 328 -7.10 22.31 13.75
N PRO A 329 -8.40 22.00 13.65
CA PRO A 329 -9.25 22.06 14.84
C PRO A 329 -8.79 21.17 15.99
N VAL A 330 -7.96 20.16 15.75
CA VAL A 330 -7.48 19.30 16.84
C VAL A 330 -5.98 19.38 17.02
N ILE A 331 -5.31 20.36 16.39
CA ILE A 331 -3.86 20.47 16.40
C ILE A 331 -3.47 21.82 17.01
N LYS A 332 -2.64 21.77 18.06
CA LYS A 332 -2.16 22.99 18.69
C LYS A 332 -0.79 23.43 18.20
N LYS A 333 -0.02 22.53 17.58
CA LYS A 333 1.29 22.88 17.09
C LYS A 333 1.71 21.84 16.06
N VAL A 334 2.46 22.29 15.06
CA VAL A 334 3.02 21.42 14.03
C VAL A 334 4.52 21.37 14.21
N LEU A 335 5.07 20.16 14.32
CA LEU A 335 6.52 19.95 14.30
C LEU A 335 6.87 19.38 12.93
N ILE A 336 7.59 20.16 12.13
CA ILE A 336 7.97 19.70 10.80
C ILE A 336 9.09 18.67 10.91
N LEU A 337 8.87 17.50 10.32
CA LEU A 337 9.89 16.44 10.28
C LEU A 337 10.78 16.69 9.07
N GLU A 338 11.90 17.37 9.30
CA GLU A 338 12.86 17.69 8.25
C GLU A 338 13.21 16.47 7.42
N LEU A 339 12.97 16.57 6.11
CA LEU A 339 13.33 15.54 5.16
C LEU A 339 13.96 16.21 3.95
N HIS A 340 15.08 15.65 3.48
CA HIS A 340 15.82 16.21 2.36
C HIS A 340 15.64 15.43 1.07
N GLU A 341 14.85 14.35 1.10
CA GLU A 341 14.48 13.67 -0.12
C GLU A 341 13.79 14.64 -1.07
N GLU A 342 13.94 14.39 -2.37
CA GLU A 342 13.86 15.49 -3.32
C GLU A 342 12.43 15.95 -3.60
N ARG A 343 11.47 15.03 -3.73
CA ARG A 343 10.11 15.47 -4.01
C ARG A 343 9.35 15.89 -2.76
N VAL A 344 10.04 16.14 -1.64
CA VAL A 344 9.39 16.68 -0.46
C VAL A 344 9.12 18.16 -0.67
N ILE A 345 8.01 18.64 -0.09
CA ILE A 345 7.70 20.07 -0.14
C ILE A 345 8.88 20.88 0.39
N LYS A 346 9.11 22.04 -0.21
CA LYS A 346 10.17 22.92 0.25
C LYS A 346 9.80 23.52 1.60
N LEU A 347 10.81 23.66 2.46
CA LEU A 347 10.57 24.00 3.87
C LEU A 347 9.88 25.35 4.01
N GLU A 348 10.35 26.37 3.28
CA GLU A 348 9.79 27.70 3.43
C GLU A 348 8.38 27.78 2.87
N LYS A 349 8.07 27.01 1.82
CA LYS A 349 6.71 26.96 1.32
C LYS A 349 5.76 26.38 2.35
N LEU A 350 6.17 25.28 3.00
CA LEU A 350 5.36 24.68 4.05
C LEU A 350 5.16 25.66 5.21
N LYS A 351 6.21 26.38 5.58
CA LYS A 351 6.08 27.37 6.64
C LYS A 351 5.05 28.44 6.28
N GLY A 352 4.93 28.78 5.00
CA GLY A 352 3.97 29.79 4.60
C GLY A 352 2.54 29.29 4.65
N ILE A 353 2.33 28.01 4.36
CA ILE A 353 1.00 27.43 4.50
C ILE A 353 0.58 27.43 5.97
N LEU A 354 1.50 27.04 6.85
CA LEU A 354 1.19 27.01 8.27
C LEU A 354 0.92 28.41 8.80
N GLU A 355 1.62 29.41 8.26
CA GLU A 355 1.36 30.79 8.69
C GLU A 355 0.01 31.28 8.17
N THR A 356 -0.33 30.95 6.92
CA THR A 356 -1.66 31.27 6.42
C THR A 356 -2.74 30.66 7.30
N LEU A 357 -2.52 29.44 7.78
CA LEU A 357 -3.52 28.75 8.57
C LEU A 357 -3.54 29.17 10.03
N GLY A 358 -2.53 29.89 10.51
CA GLY A 358 -2.48 30.25 11.91
C GLY A 358 -2.03 29.13 12.82
N LEU A 359 -1.21 28.22 12.34
CA LEU A 359 -0.71 27.10 13.13
C LEU A 359 0.71 27.42 13.60
N GLU A 360 0.91 27.41 14.92
CA GLU A 360 2.28 27.48 15.45
C GLU A 360 3.07 26.29 14.95
N TYR A 361 4.36 26.52 14.71
CA TYR A 361 5.20 25.43 14.22
C TYR A 361 6.63 25.60 14.71
N ALA A 362 7.39 24.53 14.53
CA ALA A 362 8.83 24.46 14.80
C ALA A 362 9.32 23.19 14.12
N LEU A 363 10.63 22.99 14.16
CA LEU A 363 11.19 21.75 13.64
C LEU A 363 11.06 20.64 14.69
N PHE A 364 10.84 19.41 14.22
CA PHE A 364 10.78 18.27 15.12
C PHE A 364 12.18 17.88 15.57
N GLU A 365 12.34 17.66 16.88
CA GLU A 365 13.56 17.07 17.42
C GLU A 365 13.25 15.88 18.33
N ASP A 366 12.42 16.03 19.35
CA ASP A 366 12.10 14.93 20.24
C ASP A 366 10.63 14.99 20.65
N VAL A 367 10.12 13.85 21.11
CA VAL A 367 8.77 13.75 21.65
C VAL A 367 8.85 13.84 23.17
N GLU A 368 7.96 14.63 23.76
CA GLU A 368 7.83 14.70 25.21
C GLU A 368 6.78 13.71 25.68
N GLU A 369 7.04 13.09 26.82
CA GLU A 369 6.13 12.06 27.34
C GLU A 369 4.81 12.65 27.79
N ASN A 370 4.81 13.93 28.16
CA ASN A 370 3.61 14.64 28.63
C ASN A 370 2.73 15.14 27.49
N GLU A 371 3.10 14.93 26.24
CA GLU A 371 2.34 15.43 25.10
C GLU A 371 1.90 14.26 24.22
N ASN A 372 0.88 14.52 23.40
CA ASN A 372 0.35 13.54 22.46
C ASN A 372 0.63 14.00 21.03
N TYR A 373 0.82 13.04 20.13
CA TYR A 373 1.30 13.34 18.79
C TYR A 373 0.59 12.50 17.75
N LEU A 374 0.35 13.12 16.58
CA LEU A 374 0.04 12.39 15.36
C LEU A 374 1.21 12.56 14.40
N VAL A 375 1.76 11.43 13.93
CA VAL A 375 2.79 11.41 12.90
C VAL A 375 2.10 11.09 11.59
N TYR A 376 2.23 11.96 10.59
CA TYR A 376 1.36 11.90 9.43
C TYR A 376 2.06 12.48 8.21
N GLY A 377 1.84 11.85 7.06
CA GLY A 377 2.21 12.50 5.82
C GLY A 377 2.58 11.58 4.67
N SER A 378 3.22 10.45 4.98
CA SER A 378 3.74 9.54 3.97
C SER A 378 4.30 8.32 4.68
N PHE A 379 4.57 7.28 3.88
CA PHE A 379 5.39 6.18 4.39
C PHE A 379 6.74 6.71 4.84
N LEU A 380 7.28 7.67 4.10
CA LEU A 380 8.60 8.22 4.42
C LEU A 380 8.60 8.93 5.76
N VAL A 381 7.60 9.78 6.00
CA VAL A 381 7.52 10.52 7.26
C VAL A 381 7.41 9.54 8.43
N ALA A 382 6.58 8.52 8.29
CA ALA A 382 6.37 7.60 9.41
C ALA A 382 7.61 6.75 9.65
N ASN A 383 8.24 6.26 8.57
CA ASN A 383 9.41 5.41 8.74
C ASN A 383 10.61 6.20 9.25
N ALA A 384 10.76 7.45 8.79
CA ALA A 384 11.86 8.28 9.27
C ALA A 384 11.65 8.69 10.72
N PHE A 385 10.41 8.97 11.11
CA PHE A 385 10.12 9.20 12.53
C PHE A 385 10.47 7.98 13.35
N TYR A 386 10.07 6.80 12.87
CA TYR A 386 10.24 5.57 13.65
C TYR A 386 11.71 5.29 13.91
N LYS A 387 12.58 5.58 12.95
CA LYS A 387 14.00 5.36 13.14
C LYS A 387 14.57 6.29 14.21
N ARG A 388 14.21 7.58 14.14
CA ARG A 388 14.67 8.52 15.15
C ARG A 388 14.08 8.19 16.52
N TYR A 389 12.83 7.75 16.54
CA TYR A 389 12.19 7.32 17.79
C TYR A 389 12.86 6.07 18.35
N GLN A 390 13.30 5.18 17.46
CA GLN A 390 13.94 3.94 17.90
C GLN A 390 15.25 4.23 18.62
N GLU A 391 16.12 5.05 18.01
CA GLU A 391 17.40 5.39 18.59
C GLU A 391 17.26 6.22 19.87
N LYS A 392 16.04 6.57 20.25
CA LYS A 392 15.73 7.37 21.43
C LYS A 392 16.32 8.78 21.32
C1 CIT B . -2.22 5.91 1.94
O1 CIT B . -1.36 5.69 1.06
O2 CIT B . -2.69 7.05 2.08
C2 CIT B . -2.70 4.76 2.80
C3 CIT B . -3.68 3.98 1.94
O7 CIT B . -2.90 3.16 1.03
C4 CIT B . -4.62 3.08 2.73
C5 CIT B . -5.46 2.48 1.64
O3 CIT B . -4.95 1.66 0.85
O4 CIT B . -6.66 2.84 1.49
C6 CIT B . -4.55 4.94 1.16
O5 CIT B . -4.42 5.08 -0.09
O6 CIT B . -5.41 5.62 1.75
C1 GOL C . 11.68 -0.42 -4.71
O1 GOL C . 11.41 0.75 -5.46
C2 GOL C . 12.65 -0.11 -3.58
O2 GOL C . 13.94 -0.58 -3.91
C3 GOL C . 12.70 1.41 -3.34
O3 GOL C . 12.01 1.73 -2.16
#